data_3IHS
#
_entry.id   3IHS
#
_cell.length_a   40.840
_cell.length_b   40.840
_cell.length_c   139.370
_cell.angle_alpha   90.00
_cell.angle_beta   90.00
_cell.angle_gamma   120.00
#
_symmetry.space_group_name_H-M   'P 31 2 1'
#
loop_
_entity.id
_entity.type
_entity.pdbx_description
1 polymer 'Phosphocarrier protein HPr'
2 water water
#
_entity_poly.entity_id   1
_entity_poly.type   'polypeptide(L)'
_entity_poly.pdbx_seq_one_letter_code
;(MSE)HHHHHHSSGVDLGTENLYFQSNA(MSE)VQKRVQVSLKNGLQARPAALFVQEANRFHADIFIEKDGKTVNAKSI
(MSE)GI(MSE)SLAIGTGS(MSE)ITITTEGSDAEEALEALAAYVQ
;
_entity_poly.pdbx_strand_id   A,B
#
# COMPACT_ATOMS: atom_id res chain seq x y z
N SER A 22 -10.81 -7.96 -22.49
CA SER A 22 -10.97 -7.44 -21.14
C SER A 22 -10.76 -8.54 -20.10
N ASN A 23 -10.42 -8.14 -18.89
CA ASN A 23 -10.18 -9.09 -17.81
C ASN A 23 -10.55 -8.45 -16.47
N ALA A 24 -10.55 -9.27 -15.44
CA ALA A 24 -11.00 -8.83 -14.13
C ALA A 24 -9.83 -8.73 -13.17
N MSE A 25 -8.65 -8.45 -13.69
CA MSE A 25 -7.51 -8.35 -12.83
C MSE A 25 -7.56 -7.09 -12.00
O MSE A 25 -8.24 -6.12 -12.33
CB MSE A 25 -6.22 -8.36 -13.64
CG MSE A 25 -5.89 -7.07 -14.43
SE MSE A 25 -4.56 -5.94 -13.62
CE MSE A 25 -4.32 -4.65 -15.06
N VAL A 26 -6.88 -7.17 -10.87
CA VAL A 26 -6.67 -6.03 -10.03
C VAL A 26 -5.20 -5.99 -9.73
N GLN A 27 -4.65 -4.80 -9.52
CA GLN A 27 -3.25 -4.64 -9.25
C GLN A 27 -3.02 -3.46 -8.35
N LYS A 28 -1.94 -3.51 -7.60
CA LYS A 28 -1.48 -2.37 -6.85
C LYS A 28 0.02 -2.31 -6.85
N ARG A 29 0.52 -1.08 -6.85
CA ARG A 29 1.95 -0.83 -6.73
CA ARG A 29 1.95 -0.81 -6.72
C ARG A 29 2.15 -0.55 -5.26
N VAL A 30 3.08 -1.26 -4.68
CA VAL A 30 3.28 -1.21 -3.26
C VAL A 30 4.73 -1.14 -2.91
N GLN A 31 5.02 -0.46 -1.79
CA GLN A 31 6.38 -0.37 -1.31
C GLN A 31 6.61 -1.44 -0.27
N VAL A 32 7.64 -2.23 -0.50
CA VAL A 32 8.04 -3.28 0.41
C VAL A 32 8.86 -2.67 1.52
N SER A 33 8.37 -2.75 2.74
CA SER A 33 9.11 -2.15 3.86
C SER A 33 9.79 -3.19 4.72
N LEU A 34 9.64 -4.47 4.39
CA LEU A 34 10.29 -5.56 5.11
C LEU A 34 11.77 -5.33 5.12
N LYS A 35 12.38 -5.60 6.26
CA LYS A 35 13.81 -5.38 6.45
CA LYS A 35 13.81 -5.40 6.48
C LYS A 35 14.67 -6.36 5.67
N ASN A 36 14.17 -7.57 5.48
CA ASN A 36 14.85 -8.59 4.69
C ASN A 36 14.45 -8.46 3.21
N GLY A 37 13.60 -7.49 2.91
CA GLY A 37 13.00 -7.41 1.58
C GLY A 37 12.15 -8.65 1.46
N LEU A 38 11.80 -9.02 0.24
CA LEU A 38 11.06 -10.23 0.01
C LEU A 38 12.08 -11.31 -0.35
N GLN A 39 12.85 -11.71 0.67
CA GLN A 39 13.94 -12.67 0.58
C GLN A 39 13.91 -13.50 1.87
N ALA A 40 14.74 -14.53 1.95
CA ALA A 40 14.90 -15.30 3.18
C ALA A 40 13.63 -16.02 3.71
N ARG A 41 13.35 -15.92 5.01
CA ARG A 41 12.13 -16.51 5.53
C ARG A 41 10.93 -15.68 5.14
N PRO A 42 11.01 -14.32 5.16
CA PRO A 42 9.84 -13.58 4.69
C PRO A 42 9.37 -13.98 3.30
N ALA A 43 10.28 -14.27 2.38
CA ALA A 43 9.89 -14.72 1.04
C ALA A 43 9.17 -16.06 1.10
N ALA A 44 9.71 -17.00 1.88
CA ALA A 44 9.08 -18.31 1.99
C ALA A 44 7.67 -18.22 2.52
N LEU A 45 7.48 -17.43 3.57
CA LEU A 45 6.13 -17.30 4.14
C LEU A 45 5.18 -16.55 3.19
N PHE A 46 5.71 -15.58 2.43
CA PHE A 46 4.91 -14.88 1.43
C PHE A 46 4.37 -15.88 0.40
N VAL A 47 5.27 -16.75 -0.09
CA VAL A 47 4.90 -17.72 -1.12
C VAL A 47 3.90 -18.72 -0.53
N GLN A 48 4.08 -19.13 0.72
CA GLN A 48 3.14 -20.00 1.38
CA GLN A 48 3.10 -20.00 1.39
C GLN A 48 1.75 -19.33 1.41
N GLU A 49 1.73 -18.06 1.79
CA GLU A 49 0.49 -17.31 1.86
C GLU A 49 -0.15 -17.16 0.46
N ALA A 50 0.65 -16.84 -0.55
CA ALA A 50 0.14 -16.72 -1.91
C ALA A 50 -0.52 -18.04 -2.33
N ASN A 51 0.10 -19.18 -2.00
CA ASN A 51 -0.41 -20.49 -2.36
C ASN A 51 -1.74 -20.84 -1.73
N ARG A 52 -2.16 -20.14 -0.67
CA ARG A 52 -3.46 -20.37 -0.06
C ARG A 52 -4.63 -19.89 -0.88
N PHE A 53 -4.40 -18.94 -1.76
CA PHE A 53 -5.49 -18.34 -2.52
C PHE A 53 -5.76 -19.07 -3.80
N HIS A 54 -7.01 -18.99 -4.23
CA HIS A 54 -7.39 -19.59 -5.51
C HIS A 54 -6.87 -18.83 -6.71
N ALA A 55 -6.90 -17.50 -6.63
CA ALA A 55 -6.51 -16.65 -7.74
C ALA A 55 -5.09 -16.87 -8.19
N ASP A 56 -4.85 -16.55 -9.46
CA ASP A 56 -3.49 -16.43 -9.97
C ASP A 56 -2.95 -15.09 -9.47
N ILE A 57 -1.67 -15.10 -9.11
CA ILE A 57 -1.03 -13.98 -8.45
C ILE A 57 0.35 -13.80 -9.04
N PHE A 58 0.67 -12.55 -9.41
CA PHE A 58 1.97 -12.21 -10.02
C PHE A 58 2.58 -11.02 -9.34
N ILE A 59 3.91 -10.99 -9.32
CA ILE A 59 4.68 -9.87 -8.78
C ILE A 59 5.60 -9.39 -9.85
N GLU A 60 5.66 -8.07 -10.04
CA GLU A 60 6.54 -7.45 -11.00
C GLU A 60 7.46 -6.48 -10.28
N LYS A 61 8.74 -6.54 -10.62
CA LYS A 61 9.74 -5.58 -10.13
CA LYS A 61 9.72 -5.57 -10.14
C LYS A 61 10.66 -5.29 -11.28
N ASP A 62 10.86 -3.99 -11.53
CA ASP A 62 11.75 -3.52 -12.57
C ASP A 62 11.50 -4.20 -13.91
N GLY A 63 10.23 -4.38 -14.25
CA GLY A 63 9.84 -4.94 -15.54
C GLY A 63 9.82 -6.44 -15.68
N LYS A 64 10.23 -7.14 -14.62
N LYS A 64 10.22 -7.15 -14.61
CA LYS A 64 10.27 -8.60 -14.61
CA LYS A 64 10.28 -8.61 -14.59
C LYS A 64 9.06 -9.08 -13.80
C LYS A 64 9.15 -9.16 -13.73
N THR A 65 8.36 -10.09 -14.29
CA THR A 65 7.18 -10.61 -13.64
C THR A 65 7.30 -12.07 -13.37
N VAL A 66 6.92 -12.44 -12.15
CA VAL A 66 6.93 -13.84 -11.73
C VAL A 66 5.61 -14.22 -11.11
N ASN A 67 5.39 -15.53 -11.03
CA ASN A 67 4.24 -16.10 -10.31
C ASN A 67 4.58 -16.04 -8.83
N ALA A 68 3.71 -15.40 -8.05
CA ALA A 68 3.90 -15.24 -6.61
C ALA A 68 3.91 -16.54 -5.83
N LYS A 69 3.40 -17.60 -6.44
CA LYS A 69 3.38 -18.90 -5.83
C LYS A 69 4.66 -19.67 -6.08
N SER A 70 5.63 -19.06 -6.77
CA SER A 70 6.93 -19.64 -7.08
C SER A 70 8.00 -18.96 -6.23
N ILE A 71 8.62 -19.69 -5.32
N ILE A 71 8.66 -19.69 -5.34
CA ILE A 71 9.70 -19.14 -4.52
CA ILE A 71 9.72 -19.07 -4.56
C ILE A 71 10.92 -18.80 -5.36
C ILE A 71 11.00 -18.84 -5.38
N MSE A 72 11.27 -19.66 -6.30
N MSE A 72 11.29 -19.68 -6.37
CA MSE A 72 12.43 -19.39 -7.12
CA MSE A 72 12.47 -19.42 -7.20
C MSE A 72 12.18 -18.11 -7.93
C MSE A 72 12.22 -18.17 -8.06
O MSE A 72 13.06 -17.26 -8.01
O MSE A 72 13.15 -17.44 -8.38
CB MSE A 72 12.72 -20.58 -8.00
CB MSE A 72 12.87 -20.62 -8.02
CG MSE A 72 13.09 -21.83 -7.19
CG MSE A 72 13.35 -21.79 -7.15
SE MSE A 72 14.62 -21.55 -6.01
SE MSE A 72 13.93 -23.37 -8.10
CE MSE A 72 14.04 -21.00 -4.24
CE MSE A 72 15.55 -22.65 -8.84
N GLY A 73 10.97 -17.94 -8.46
CA GLY A 73 10.62 -16.74 -9.19
C GLY A 73 10.78 -15.51 -8.30
N ILE A 74 10.20 -15.55 -7.10
CA ILE A 74 10.31 -14.43 -6.17
C ILE A 74 11.75 -14.10 -5.84
N MSE A 75 12.55 -15.10 -5.52
CA MSE A 75 13.97 -14.91 -5.23
CA MSE A 75 13.93 -14.83 -5.18
C MSE A 75 14.71 -14.26 -6.40
O MSE A 75 15.61 -13.43 -6.20
CB MSE A 75 14.65 -16.23 -4.85
CB MSE A 75 14.59 -16.02 -4.45
CG MSE A 75 14.18 -16.83 -3.53
CG MSE A 75 13.92 -16.26 -3.07
SE MSE A 75 14.25 -15.56 -2.09
SE MSE A 75 14.61 -17.63 -1.87
CE MSE A 75 16.06 -14.90 -2.33
CE MSE A 75 14.52 -19.08 -3.17
N SER A 76 14.31 -14.64 -7.62
CA SER A 76 14.94 -14.12 -8.84
C SER A 76 14.77 -12.60 -9.00
N LEU A 77 13.75 -12.03 -8.35
CA LEU A 77 13.49 -10.59 -8.43
C LEU A 77 14.39 -9.75 -7.53
N ALA A 78 15.05 -10.38 -6.55
CA ALA A 78 15.97 -9.67 -5.65
C ALA A 78 15.28 -8.45 -5.06
N ILE A 79 14.13 -8.67 -4.43
CA ILE A 79 13.32 -7.58 -3.87
C ILE A 79 13.87 -7.15 -2.52
N GLY A 80 14.56 -6.02 -2.50
CA GLY A 80 15.15 -5.50 -1.28
C GLY A 80 14.24 -4.55 -0.56
N THR A 81 14.61 -4.18 0.65
CA THR A 81 13.84 -3.22 1.42
C THR A 81 13.69 -1.93 0.60
N GLY A 82 12.49 -1.35 0.62
CA GLY A 82 12.19 -0.12 -0.12
C GLY A 82 11.79 -0.28 -1.58
N SER A 83 11.85 -1.51 -2.09
CA SER A 83 11.48 -1.81 -3.47
C SER A 83 10.01 -1.52 -3.70
N MSE A 84 9.74 -1.04 -4.90
CA MSE A 84 8.38 -0.89 -5.38
C MSE A 84 8.11 -2.13 -6.22
O MSE A 84 8.92 -2.50 -7.06
CB MSE A 84 8.25 0.33 -6.26
CG MSE A 84 8.63 1.63 -5.60
SE MSE A 84 7.57 1.99 -4.02
CE MSE A 84 5.85 1.59 -4.82
N ILE A 85 6.98 -2.75 -5.98
CA ILE A 85 6.58 -3.92 -6.73
C ILE A 85 5.15 -3.73 -7.13
N THR A 86 4.74 -4.41 -8.20
CA THR A 86 3.35 -4.41 -8.57
C THR A 86 2.83 -5.82 -8.35
N ILE A 87 1.75 -5.92 -7.59
CA ILE A 87 1.08 -7.18 -7.31
C ILE A 87 -0.19 -7.21 -8.14
N THR A 88 -0.35 -8.29 -8.92
CA THR A 88 -1.49 -8.47 -9.77
C THR A 88 -2.19 -9.78 -9.46
N THR A 89 -3.51 -9.76 -9.40
CA THR A 89 -4.25 -10.98 -9.17
C THR A 89 -5.46 -11.05 -10.07
N GLU A 90 -5.89 -12.27 -10.32
CA GLU A 90 -7.11 -12.50 -11.10
C GLU A 90 -7.64 -13.86 -10.73
N GLY A 91 -8.89 -13.89 -10.34
CA GLY A 91 -9.55 -15.12 -9.92
C GLY A 91 -10.58 -14.87 -8.85
N SER A 92 -11.11 -15.93 -8.28
CA SER A 92 -12.27 -15.81 -7.42
C SER A 92 -12.04 -14.96 -6.20
N ASP A 93 -10.86 -15.08 -5.60
CA ASP A 93 -10.49 -14.34 -4.40
C ASP A 93 -9.38 -13.34 -4.69
N ALA A 94 -9.40 -12.77 -5.90
CA ALA A 94 -8.35 -11.89 -6.34
C ALA A 94 -8.12 -10.72 -5.41
N GLU A 95 -9.19 -10.01 -5.03
CA GLU A 95 -9.00 -8.81 -4.21
C GLU A 95 -8.46 -9.18 -2.83
N GLU A 96 -8.98 -10.23 -2.23
CA GLU A 96 -8.48 -10.72 -0.95
C GLU A 96 -7.00 -11.09 -1.04
N ALA A 97 -6.62 -11.82 -2.08
CA ALA A 97 -5.22 -12.20 -2.25
C ALA A 97 -4.33 -10.97 -2.37
N LEU A 98 -4.76 -10.03 -3.21
CA LEU A 98 -4.01 -8.80 -3.45
CA LEU A 98 -3.98 -8.82 -3.45
C LEU A 98 -3.78 -8.03 -2.17
N GLU A 99 -4.86 -7.79 -1.45
CA GLU A 99 -4.76 -7.00 -0.24
C GLU A 99 -4.01 -7.72 0.86
N ALA A 100 -4.13 -9.03 0.96
CA ALA A 100 -3.38 -9.77 1.96
C ALA A 100 -1.89 -9.68 1.68
N LEU A 101 -1.49 -9.86 0.44
CA LEU A 101 -0.09 -9.84 0.10
C LEU A 101 0.47 -8.42 0.21
N ALA A 102 -0.31 -7.41 -0.16
CA ALA A 102 0.14 -6.04 0.03
C ALA A 102 0.34 -5.73 1.52
N ALA A 103 -0.59 -6.15 2.37
CA ALA A 103 -0.48 -5.94 3.81
C ALA A 103 0.65 -6.75 4.43
N TYR A 104 1.07 -7.81 3.76
CA TYR A 104 2.18 -8.58 4.22
C TYR A 104 3.50 -7.81 4.06
N VAL A 105 3.68 -7.14 2.92
CA VAL A 105 4.95 -6.50 2.61
C VAL A 105 5.05 -5.05 2.97
N GLN A 106 3.92 -4.37 3.14
CA GLN A 106 3.93 -2.95 3.37
C GLN A 106 4.27 -2.60 4.78
N ASN B 23 10.07 8.52 19.13
CA ASN B 23 8.59 8.45 19.34
C ASN B 23 8.00 7.13 18.83
N ALA B 24 6.70 6.94 19.06
CA ALA B 24 5.97 5.71 18.70
C ALA B 24 5.09 5.91 17.46
N MSE B 25 5.55 6.79 16.58
CA MSE B 25 4.81 7.03 15.36
C MSE B 25 4.94 5.89 14.41
O MSE B 25 5.94 5.13 14.44
CB MSE B 25 5.34 8.21 14.59
CG MSE B 25 6.65 7.99 13.99
SE MSE B 25 6.75 8.17 12.05
CE MSE B 25 8.63 8.45 11.65
N VAL B 26 3.88 5.73 13.62
CA VAL B 26 3.94 4.82 12.49
C VAL B 26 3.70 5.68 11.28
N GLN B 27 4.32 5.26 10.21
CA GLN B 27 4.36 6.02 9.00
C GLN B 27 4.52 5.08 7.84
N LYS B 28 3.83 5.39 6.76
N LYS B 28 3.81 5.37 6.76
CA LYS B 28 3.93 4.64 5.52
CA LYS B 28 3.98 4.60 5.52
C LYS B 28 3.78 5.54 4.32
C LYS B 28 3.71 5.47 4.31
N ARG B 29 4.42 5.17 3.22
CA ARG B 29 4.31 5.84 1.92
C ARG B 29 3.34 5.01 1.11
N VAL B 30 2.37 5.67 0.54
CA VAL B 30 1.21 5.05 -0.04
C VAL B 30 0.89 5.65 -1.39
N GLN B 31 0.46 4.82 -2.32
CA GLN B 31 0.02 5.32 -3.62
C GLN B 31 -1.49 5.50 -3.64
N VAL B 32 -1.92 6.70 -3.97
CA VAL B 32 -3.33 7.02 -4.08
C VAL B 32 -3.83 6.60 -5.45
N SER B 33 -4.74 5.64 -5.49
CA SER B 33 -5.24 5.15 -6.77
C SER B 33 -6.64 5.66 -7.06
N LEU B 34 -7.22 6.44 -6.16
CA LEU B 34 -8.55 7.01 -6.37
C LEU B 34 -8.56 7.83 -7.65
N LYS B 35 -9.64 7.69 -8.40
CA LYS B 35 -9.82 8.41 -9.67
C LYS B 35 -9.90 9.91 -9.51
N ASN B 36 -10.52 10.40 -8.44
CA ASN B 36 -10.61 11.84 -8.15
C ASN B 36 -9.38 12.33 -7.38
N GLY B 37 -8.46 11.42 -7.08
CA GLY B 37 -7.38 11.75 -6.20
C GLY B 37 -8.01 11.93 -4.85
N LEU B 38 -7.29 12.55 -3.94
CA LEU B 38 -7.85 12.82 -2.66
C LEU B 38 -8.37 14.26 -2.71
N GLN B 39 -9.46 14.43 -3.46
CA GLN B 39 -10.13 15.68 -3.72
C GLN B 39 -11.63 15.45 -3.74
N ALA B 40 -12.39 16.49 -3.92
CA ALA B 40 -13.84 16.39 -4.01
C ALA B 40 -14.56 15.68 -2.87
N ARG B 41 -15.50 14.78 -3.19
CA ARG B 41 -16.17 14.03 -2.17
C ARG B 41 -15.27 12.94 -1.52
N PRO B 42 -14.40 12.27 -2.29
CA PRO B 42 -13.49 11.35 -1.64
C PRO B 42 -12.66 12.03 -0.56
N ALA B 43 -12.23 13.27 -0.77
CA ALA B 43 -11.47 13.98 0.27
C ALA B 43 -12.32 14.26 1.50
N ALA B 44 -13.56 14.69 1.29
CA ALA B 44 -14.43 14.94 2.38
C ALA B 44 -14.67 13.70 3.24
N LEU B 45 -14.94 12.58 2.61
CA LEU B 45 -15.17 11.35 3.38
C LEU B 45 -13.88 10.86 4.06
N PHE B 46 -12.73 11.07 3.43
CA PHE B 46 -11.46 10.70 4.02
C PHE B 46 -11.25 11.47 5.32
N VAL B 47 -11.53 12.78 5.28
CA VAL B 47 -11.36 13.62 6.46
C VAL B 47 -12.38 13.27 7.54
N GLN B 48 -13.60 12.92 7.15
CA GLN B 48 -14.58 12.46 8.11
C GLN B 48 -14.06 11.21 8.80
N GLU B 49 -13.51 10.29 8.01
CA GLU B 49 -12.97 9.06 8.56
C GLU B 49 -11.76 9.31 9.47
N ALA B 50 -10.84 10.17 9.05
CA ALA B 50 -9.69 10.51 9.89
C ALA B 50 -10.16 11.03 11.24
N ASN B 51 -11.21 11.87 11.24
CA ASN B 51 -11.76 12.44 12.46
C ASN B 51 -12.33 11.44 13.43
N ARG B 52 -12.59 10.21 13.00
CA ARG B 52 -13.13 9.19 13.89
C ARG B 52 -12.07 8.64 14.83
N PHE B 53 -10.78 8.77 14.49
CA PHE B 53 -9.71 8.17 15.29
C PHE B 53 -9.22 9.07 16.40
N HIS B 54 -8.68 8.44 17.45
CA HIS B 54 -8.11 9.19 18.54
C HIS B 54 -6.78 9.79 18.17
N ALA B 55 -5.98 9.04 17.43
CA ALA B 55 -4.63 9.43 17.09
C ALA B 55 -4.57 10.72 16.30
N ASP B 56 -3.44 11.41 16.42
CA ASP B 56 -3.13 12.50 15.51
C ASP B 56 -2.67 11.87 14.19
N ILE B 57 -3.06 12.49 13.07
CA ILE B 57 -2.87 11.93 11.74
C ILE B 57 -2.43 13.03 10.81
N PHE B 58 -1.35 12.77 10.06
CA PHE B 58 -0.79 13.74 9.11
C PHE B 58 -0.56 13.12 7.76
N ILE B 59 -0.69 13.94 6.74
CA ILE B 59 -0.42 13.53 5.38
C ILE B 59 0.61 14.47 4.80
N GLU B 60 1.61 13.87 4.15
CA GLU B 60 2.63 14.66 3.46
CA GLU B 60 2.69 14.60 3.48
C GLU B 60 2.63 14.32 1.97
N LYS B 61 2.74 15.35 1.16
CA LYS B 61 2.87 15.21 -0.28
C LYS B 61 3.85 16.27 -0.72
N ASP B 62 4.87 15.84 -1.46
CA ASP B 62 5.84 16.75 -2.02
C ASP B 62 6.43 17.70 -0.99
N GLY B 63 6.73 17.18 0.20
CA GLY B 63 7.35 17.96 1.25
C GLY B 63 6.45 18.80 2.12
N LYS B 64 5.15 18.85 1.79
CA LYS B 64 4.18 19.64 2.52
CA LYS B 64 4.17 19.64 2.53
C LYS B 64 3.35 18.71 3.39
N THR B 65 3.12 19.10 4.65
CA THR B 65 2.43 18.26 5.61
C THR B 65 1.20 18.94 6.15
N VAL B 66 0.10 18.22 6.21
CA VAL B 66 -1.14 18.74 6.76
C VAL B 66 -1.71 17.75 7.77
N ASN B 67 -2.61 18.25 8.61
CA ASN B 67 -3.39 17.44 9.53
C ASN B 67 -4.49 16.77 8.68
N ALA B 68 -4.57 15.44 8.73
CA ALA B 68 -5.54 14.67 7.95
C ALA B 68 -6.97 14.95 8.36
N LYS B 69 -7.16 15.50 9.56
CA LYS B 69 -8.48 15.87 10.06
C LYS B 69 -8.93 17.24 9.57
N SER B 70 -8.09 17.92 8.79
CA SER B 70 -8.38 19.22 8.22
C SER B 70 -8.68 19.08 6.72
N ILE B 71 -9.89 19.43 6.31
CA ILE B 71 -10.26 19.34 4.91
C ILE B 71 -9.56 20.44 4.11
N MSE B 72 -9.39 21.63 4.69
CA MSE B 72 -8.68 22.70 3.99
CA MSE B 72 -8.71 22.66 3.96
C MSE B 72 -7.22 22.30 3.78
O MSE B 72 -6.64 22.56 2.76
CB MSE B 72 -8.82 24.05 4.71
CB MSE B 72 -8.96 23.97 4.67
CG MSE B 72 -10.27 24.60 4.65
CG MSE B 72 -10.48 24.17 4.80
SE MSE B 72 -10.67 26.29 5.46
SE MSE B 72 -11.35 24.49 3.10
CE MSE B 72 -9.75 27.43 4.20
CE MSE B 72 -12.32 22.85 2.57
N GLY B 73 -6.62 21.65 4.79
CA GLY B 73 -5.27 21.14 4.67
C GLY B 73 -5.18 20.10 3.56
N ILE B 74 -6.05 19.08 3.59
CA ILE B 74 -6.04 18.06 2.54
C ILE B 74 -6.23 18.68 1.16
N MSE B 75 -7.18 19.57 0.99
CA MSE B 75 -7.36 20.16 -0.31
CA MSE B 75 -7.37 20.19 -0.29
C MSE B 75 -6.13 20.99 -0.72
O MSE B 75 -5.81 21.03 -1.91
CB MSE B 75 -8.73 20.86 -0.43
CB MSE B 75 -8.62 21.10 -0.30
CG MSE B 75 -9.86 19.81 -0.39
CG MSE B 75 -9.90 20.35 -0.14
SE MSE B 75 -11.72 20.37 -0.55
SE MSE B 75 -10.17 18.93 -1.34
CE MSE B 75 -11.64 21.29 -2.27
CE MSE B 75 -9.84 19.87 -3.00
N SER B 76 -5.41 21.58 0.22
CA SER B 76 -4.23 22.39 -0.12
C SER B 76 -3.12 21.53 -0.74
N LEU B 77 -3.14 20.23 -0.52
CA LEU B 77 -2.12 19.35 -1.08
C LEU B 77 -2.35 18.99 -2.55
N ALA B 78 -3.56 19.23 -3.08
CA ALA B 78 -3.88 18.94 -4.48
C ALA B 78 -3.43 17.54 -4.86
N ILE B 79 -3.92 16.56 -4.09
CA ILE B 79 -3.54 15.16 -4.26
C ILE B 79 -4.30 14.53 -5.42
N GLY B 80 -3.64 14.42 -6.57
CA GLY B 80 -4.27 13.84 -7.74
C GLY B 80 -4.07 12.34 -7.81
N THR B 81 -4.77 11.70 -8.73
CA THR B 81 -4.64 10.26 -8.96
CA THR B 81 -4.66 10.27 -8.92
C THR B 81 -3.18 9.89 -9.21
N GLY B 82 -2.70 8.81 -8.60
CA GLY B 82 -1.32 8.33 -8.77
C GLY B 82 -0.30 8.96 -7.83
N SER B 83 -0.73 9.93 -7.03
CA SER B 83 0.15 10.62 -6.09
C SER B 83 0.68 9.67 -5.02
N MSE B 84 1.92 9.89 -4.63
CA MSE B 84 2.49 9.21 -3.51
C MSE B 84 2.32 10.15 -2.34
O MSE B 84 2.60 11.33 -2.45
CB MSE B 84 3.98 9.00 -3.75
CG MSE B 84 4.32 8.15 -4.95
SE MSE B 84 3.55 6.41 -4.80
CE MSE B 84 4.05 6.10 -2.96
N ILE B 85 1.83 9.64 -1.21
CA ILE B 85 1.70 10.42 0.00
C ILE B 85 2.30 9.62 1.15
N THR B 86 2.69 10.31 2.19
CA THR B 86 3.13 9.66 3.40
C THR B 86 2.12 9.94 4.49
N ILE B 87 1.63 8.88 5.14
CA ILE B 87 0.70 8.97 6.23
C ILE B 87 1.46 8.72 7.50
N THR B 88 1.28 9.59 8.50
CA THR B 88 1.91 9.44 9.80
C THR B 88 0.85 9.53 10.86
N THR B 89 0.89 8.64 11.83
CA THR B 89 -0.04 8.66 12.93
C THR B 89 0.69 8.47 14.26
N GLU B 90 0.09 9.02 15.30
CA GLU B 90 0.63 8.80 16.66
C GLU B 90 -0.51 8.96 17.65
N GLY B 91 -0.70 7.94 18.47
CA GLY B 91 -1.76 7.92 19.44
C GLY B 91 -2.20 6.49 19.67
N SER B 92 -3.25 6.33 20.46
CA SER B 92 -3.62 5.00 20.90
C SER B 92 -4.00 4.05 19.78
N ASP B 93 -4.76 4.56 18.80
CA ASP B 93 -5.22 3.78 17.64
C ASP B 93 -4.43 4.14 16.37
N ALA B 94 -3.17 4.53 16.52
CA ALA B 94 -2.35 4.96 15.40
C ALA B 94 -2.24 3.95 14.26
N GLU B 95 -1.99 2.68 14.56
CA GLU B 95 -1.82 1.72 13.47
C GLU B 95 -3.12 1.48 12.74
N GLU B 96 -4.20 1.36 13.49
CA GLU B 96 -5.53 1.20 12.89
C GLU B 96 -5.88 2.38 12.00
N ALA B 97 -5.63 3.58 12.49
CA ALA B 97 -5.90 4.79 11.72
C ALA B 97 -5.10 4.80 10.43
N LEU B 98 -3.82 4.52 10.53
CA LEU B 98 -2.91 4.48 9.39
CA LEU B 98 -2.97 4.55 9.37
C LEU B 98 -3.40 3.51 8.33
N GLU B 99 -3.64 2.29 8.77
CA GLU B 99 -4.03 1.24 7.82
C GLU B 99 -5.41 1.48 7.22
N ALA B 100 -6.32 2.05 8.01
CA ALA B 100 -7.65 2.35 7.47
C ALA B 100 -7.55 3.42 6.38
N LEU B 101 -6.78 4.47 6.64
CA LEU B 101 -6.65 5.53 5.67
C LEU B 101 -5.86 5.08 4.44
N ALA B 102 -4.86 4.23 4.62
CA ALA B 102 -4.14 3.69 3.49
C ALA B 102 -5.09 2.82 2.63
N ALA B 103 -5.91 1.99 3.26
CA ALA B 103 -6.89 1.15 2.55
C ALA B 103 -7.99 1.96 1.90
N TYR B 104 -8.21 3.17 2.37
CA TYR B 104 -9.16 4.07 1.77
C TYR B 104 -8.64 4.56 0.40
N VAL B 105 -7.37 4.95 0.33
CA VAL B 105 -6.85 5.60 -0.85
C VAL B 105 -6.17 4.70 -1.85
N GLN B 106 -5.72 3.53 -1.38
CA GLN B 106 -4.95 2.61 -2.20
C GLN B 106 -5.80 1.86 -3.16
#